data_7K2J
#
_entry.id   7K2J
#
_cell.length_a   162.178
_cell.length_b   68.874
_cell.length_c   77.398
_cell.angle_alpha   90.000
_cell.angle_beta   117.540
_cell.angle_gamma   90.000
#
_symmetry.space_group_name_H-M   'C 1 2 1'
#
loop_
_entity.id
_entity.type
_entity.pdbx_description
1 polymer 'Kelch-like ECH-associated protein 1'
2 polymer 'Nrf2 cyclic peptide,c[GDPEAGE]'
3 water water
#
loop_
_entity_poly.entity_id
_entity_poly.type
_entity_poly.pdbx_seq_one_letter_code
_entity_poly.pdbx_strand_id
1 'polypeptide(L)'
;GRLIYTAGGYFRQSLSYLEAYNPSDGTWLRLADLQVPRSGLAGCVVGGLLYAVGGRNNSPDGNTDSSALDCYNPMTNQWS
PCAPMSVPRNRIGVGVIDGHIYAVGGSHGCIHHNSVERYEPERDEWHLVAPMLTRRIGVGVAVLNRLLYAVGGFDGTNRL
NSAECYYPERNEWRMITAMNTIRSGAGVCVLHNCIYAAGGYDGQDQLNSVERYDVATATWTFVAPMKHRRSALGITVHQG
RIYVLGGYDGHTFLDSVECYDPDTDTWSEVTRMTSGRSGVGVAVTMEPSR
;
A,B
2 'polypeptide(L)' GDPEAGE P
#
# COMPACT_ATOMS: atom_id res chain seq x y z
N LEU A 3 33.78 -11.78 -1.64
CA LEU A 3 32.83 -12.87 -1.94
C LEU A 3 31.36 -12.60 -1.56
N ILE A 4 30.44 -13.06 -2.40
CA ILE A 4 29.01 -12.94 -2.15
C ILE A 4 28.54 -14.29 -1.61
N TYR A 5 27.97 -14.29 -0.40
CA TYR A 5 27.55 -15.50 0.27
C TYR A 5 26.04 -15.67 0.14
N THR A 6 25.58 -16.88 -0.17
CA THR A 6 24.15 -17.19 -0.10
C THR A 6 23.94 -18.32 0.88
N ALA A 7 23.06 -18.09 1.86
CA ALA A 7 22.84 -19.08 2.90
C ALA A 7 21.38 -19.53 2.88
N GLY A 8 21.19 -20.83 2.99
CA GLY A 8 19.83 -21.36 3.10
C GLY A 8 19.05 -21.32 1.79
N GLY A 9 17.75 -21.16 1.90
CA GLY A 9 16.94 -21.04 0.71
C GLY A 9 15.87 -22.10 0.64
N TYR A 10 15.25 -22.21 -0.54
CA TYR A 10 14.14 -23.13 -0.62
C TYR A 10 14.03 -23.68 -2.04
N PHE A 11 13.90 -25.01 -2.14
CA PHE A 11 13.61 -25.66 -3.42
C PHE A 11 13.09 -27.04 -3.07
N ARG A 12 11.76 -27.15 -2.99
CA ARG A 12 11.02 -28.37 -2.63
C ARG A 12 11.07 -28.62 -1.13
N GLN A 13 12.03 -28.00 -0.44
CA GLN A 13 12.16 -28.03 1.01
C GLN A 13 13.22 -26.97 1.37
N SER A 14 13.47 -26.82 2.67
CA SER A 14 14.43 -25.84 3.10
C SER A 14 15.85 -26.40 3.02
N LEU A 15 16.77 -25.57 2.55
CA LEU A 15 18.15 -25.95 2.27
C LEU A 15 19.07 -25.47 3.39
N SER A 16 20.23 -26.14 3.55
CA SER A 16 21.29 -25.67 4.44
C SER A 16 22.57 -25.26 3.70
N TYR A 17 22.49 -25.12 2.36
CA TYR A 17 23.64 -24.69 1.56
C TYR A 17 24.20 -23.38 2.06
N LEU A 18 25.52 -23.27 2.04
CA LEU A 18 26.23 -22.00 2.21
C LEU A 18 27.28 -21.93 1.12
N GLU A 19 27.07 -21.04 0.15
CA GLU A 19 27.89 -20.97 -1.04
C GLU A 19 28.32 -19.52 -1.25
N ALA A 20 29.55 -19.34 -1.69
CA ALA A 20 30.12 -18.03 -1.91
C ALA A 20 30.48 -17.87 -3.38
N TYR A 21 30.13 -16.73 -3.94
CA TYR A 21 30.37 -16.46 -5.34
C TYR A 21 31.52 -15.49 -5.49
N ASN A 22 32.33 -15.71 -6.52
CA ASN A 22 33.45 -14.84 -6.79
C ASN A 22 33.17 -14.16 -8.13
N PRO A 23 32.92 -12.85 -8.16
CA PRO A 23 32.53 -12.23 -9.43
C PRO A 23 33.65 -12.11 -10.44
N SER A 24 34.89 -12.45 -10.09
CA SER A 24 35.97 -12.44 -11.07
C SER A 24 36.46 -13.82 -11.43
N ASP A 25 36.31 -14.76 -10.51
CA ASP A 25 36.64 -16.16 -10.78
C ASP A 25 35.60 -16.77 -11.68
N GLY A 26 34.33 -16.61 -11.29
CA GLY A 26 33.20 -17.33 -11.77
C GLY A 26 32.69 -18.36 -10.77
N THR A 27 33.59 -18.80 -9.87
CA THR A 27 33.44 -19.97 -9.03
C THR A 27 32.40 -19.79 -7.92
N TRP A 28 31.84 -20.92 -7.53
CA TRP A 28 30.99 -21.03 -6.35
C TRP A 28 31.73 -21.92 -5.37
N LEU A 29 31.86 -21.49 -4.14
CA LEU A 29 32.54 -22.26 -3.11
C LEU A 29 31.50 -22.92 -2.21
N ARG A 30 31.60 -24.22 -2.03
CA ARG A 30 30.72 -24.88 -1.08
C ARG A 30 31.38 -24.82 0.30
N LEU A 31 30.65 -24.30 1.28
CA LEU A 31 31.22 -24.09 2.60
C LEU A 31 30.43 -24.91 3.61
N ALA A 32 30.57 -24.59 4.89
CA ALA A 32 29.89 -25.35 5.93
C ALA A 32 28.39 -25.16 5.81
N ASP A 33 27.65 -26.27 5.81
CA ASP A 33 26.19 -26.19 5.80
C ASP A 33 25.69 -25.47 7.04
N LEU A 34 24.54 -24.84 6.91
CA LEU A 34 23.83 -24.36 8.09
C LEU A 34 23.54 -25.54 9.02
N GLN A 35 23.58 -25.27 10.31
CA GLN A 35 23.27 -26.29 11.30
C GLN A 35 21.88 -26.85 11.08
N VAL A 36 20.91 -26.00 10.73
CA VAL A 36 19.53 -26.39 10.45
C VAL A 36 19.09 -25.83 9.10
N PRO A 37 18.50 -26.63 8.21
CA PRO A 37 17.98 -26.09 6.96
C PRO A 37 16.93 -25.01 7.23
N ARG A 38 16.99 -23.93 6.44
CA ARG A 38 16.18 -22.74 6.68
C ARG A 38 15.94 -22.01 5.38
N SER A 39 14.70 -21.59 5.17
CA SER A 39 14.33 -20.70 4.07
C SER A 39 13.64 -19.49 4.66
N GLY A 40 13.55 -18.45 3.84
CA GLY A 40 12.96 -17.19 4.29
C GLY A 40 13.75 -16.48 5.35
N LEU A 41 15.06 -16.67 5.36
CA LEU A 41 15.94 -16.04 6.33
C LEU A 41 16.62 -14.83 5.70
N ALA A 42 17.31 -14.07 6.54
CA ALA A 42 18.10 -12.93 6.09
C ALA A 42 19.54 -13.12 6.52
N GLY A 43 20.43 -12.52 5.75
CA GLY A 43 21.86 -12.54 6.05
C GLY A 43 22.40 -11.14 6.19
N CYS A 44 23.38 -10.98 7.07
CA CYS A 44 24.10 -9.71 7.21
C CYS A 44 25.51 -10.02 7.69
N VAL A 45 26.35 -8.99 7.70
CA VAL A 45 27.76 -9.10 8.06
C VAL A 45 28.05 -8.01 9.08
N VAL A 46 28.50 -8.43 10.26
CA VAL A 46 28.95 -7.51 11.30
C VAL A 46 30.33 -8.00 11.73
N GLY A 47 31.30 -7.08 11.81
CA GLY A 47 32.66 -7.45 12.17
C GLY A 47 33.25 -8.58 11.35
N GLY A 48 32.94 -8.65 10.06
CA GLY A 48 33.45 -9.71 9.22
C GLY A 48 32.71 -11.02 9.31
N LEU A 49 31.86 -11.22 10.31
CA LEU A 49 31.17 -12.48 10.51
C LEU A 49 29.83 -12.45 9.80
N LEU A 50 29.45 -13.60 9.23
CA LEU A 50 28.25 -13.70 8.42
C LEU A 50 27.13 -14.18 9.34
N TYR A 51 26.11 -13.35 9.56
CA TYR A 51 25.00 -13.75 10.41
C TYR A 51 23.84 -14.25 9.56
N ALA A 52 23.22 -15.35 9.98
CA ALA A 52 22.01 -15.88 9.35
C ALA A 52 20.85 -15.76 10.34
N VAL A 53 19.78 -15.06 9.95
CA VAL A 53 18.75 -14.65 10.92
C VAL A 53 17.37 -15.16 10.49
N GLY A 54 16.66 -15.78 11.44
CA GLY A 54 15.27 -16.15 11.27
C GLY A 54 15.07 -17.21 10.21
N GLY A 55 13.95 -17.11 9.50
CA GLY A 55 13.60 -18.05 8.46
C GLY A 55 12.68 -19.12 9.00
N ARG A 56 12.63 -20.24 8.27
CA ARG A 56 11.76 -21.35 8.63
C ARG A 56 12.40 -22.65 8.15
N ASN A 57 12.25 -23.73 8.95
CA ASN A 57 12.68 -25.07 8.58
C ASN A 57 11.50 -25.82 7.98
N ASN A 58 11.49 -25.97 6.64
CA ASN A 58 10.46 -26.76 5.93
C ASN A 58 11.06 -28.13 5.65
N SER A 59 11.02 -28.95 6.61
CA SER A 59 11.52 -30.30 6.45
C SER A 59 10.38 -31.24 6.08
N PRO A 60 10.63 -32.28 5.28
CA PRO A 60 9.60 -33.31 5.04
C PRO A 60 8.98 -33.88 6.31
N ASP A 61 9.63 -33.71 7.45
CA ASP A 61 9.08 -34.19 8.70
C ASP A 61 8.19 -33.18 9.40
N GLY A 62 8.48 -31.89 9.24
CA GLY A 62 7.82 -30.85 10.02
C GLY A 62 8.19 -29.49 9.47
N ASN A 63 7.42 -28.49 9.91
CA ASN A 63 7.63 -27.12 9.47
C ASN A 63 7.56 -26.22 10.69
N THR A 64 8.67 -25.53 10.97
CA THR A 64 8.79 -24.68 12.15
C THR A 64 9.43 -23.37 11.75
N ASP A 65 8.75 -22.26 12.03
CA ASP A 65 9.41 -20.98 11.95
C ASP A 65 10.56 -20.94 12.95
N SER A 66 11.57 -20.13 12.64
CA SER A 66 12.79 -20.08 13.43
C SER A 66 12.96 -18.71 14.05
N SER A 67 13.44 -18.69 15.28
CA SER A 67 13.93 -17.46 15.88
C SER A 67 15.45 -17.44 15.98
N ALA A 68 16.12 -18.40 15.34
CA ALA A 68 17.53 -18.62 15.59
C ALA A 68 18.41 -17.56 14.94
N LEU A 69 19.53 -17.28 15.60
CA LEU A 69 20.59 -16.43 15.06
C LEU A 69 21.88 -17.24 15.09
N ASP A 70 22.51 -17.40 13.92
CA ASP A 70 23.72 -18.19 13.77
C ASP A 70 24.75 -17.41 12.99
N CYS A 71 26.01 -17.53 13.40
CA CYS A 71 27.07 -16.77 12.78
C CYS A 71 28.14 -17.69 12.21
N TYR A 72 28.62 -17.32 11.03
CA TYR A 72 29.58 -18.08 10.26
C TYR A 72 30.87 -17.25 10.16
N ASN A 73 32.00 -17.93 10.41
CA ASN A 73 33.33 -17.31 10.40
C ASN A 73 34.12 -17.77 9.18
N PRO A 74 34.45 -16.89 8.24
CA PRO A 74 35.17 -17.37 7.05
C PRO A 74 36.59 -17.77 7.35
N MET A 75 37.16 -17.38 8.49
CA MET A 75 38.49 -17.86 8.83
C MET A 75 38.48 -19.29 9.33
N THR A 76 37.50 -19.64 10.16
CA THR A 76 37.35 -21.02 10.61
C THR A 76 36.53 -21.90 9.67
N ASN A 77 35.75 -21.30 8.78
CA ASN A 77 34.74 -22.04 8.01
C ASN A 77 33.88 -22.86 8.96
N GLN A 78 33.40 -22.21 10.01
CA GLN A 78 32.52 -22.87 10.95
C GLN A 78 31.37 -21.96 11.36
N TRP A 79 30.24 -22.61 11.67
CA TRP A 79 29.02 -21.98 12.17
C TRP A 79 28.97 -22.08 13.68
N SER A 80 28.49 -21.03 14.31
CA SER A 80 28.35 -21.06 15.75
C SER A 80 27.00 -20.41 16.08
N PRO A 81 26.25 -20.97 17.01
CA PRO A 81 24.95 -20.39 17.33
C PRO A 81 25.08 -19.15 18.20
N CYS A 82 24.16 -18.22 17.99
CA CYS A 82 24.00 -17.07 18.84
C CYS A 82 22.71 -17.18 19.64
N ALA A 83 22.52 -16.21 20.52
CA ALA A 83 21.28 -16.11 21.27
C ALA A 83 20.13 -15.85 20.31
N PRO A 84 18.99 -16.52 20.47
CA PRO A 84 17.88 -16.36 19.52
C PRO A 84 17.03 -15.11 19.77
N MET A 85 16.27 -14.74 18.74
CA MET A 85 15.34 -13.64 18.91
C MET A 85 14.19 -14.07 19.80
N SER A 86 13.35 -13.11 20.14
CA SER A 86 12.26 -13.35 21.08
C SER A 86 11.16 -14.20 20.46
N VAL A 87 10.97 -14.10 19.14
CA VAL A 87 9.93 -14.85 18.45
C VAL A 87 10.55 -15.38 17.11
N PRO A 88 9.92 -16.47 16.65
CA PRO A 88 10.29 -16.91 15.28
C PRO A 88 9.86 -15.88 14.24
N ARG A 89 10.70 -15.71 13.21
CA ARG A 89 10.46 -14.67 12.20
C ARG A 89 10.77 -15.29 10.84
N ASN A 90 9.73 -15.80 10.17
CA ASN A 90 9.88 -16.31 8.82
C ASN A 90 9.62 -15.17 7.83
N ARG A 91 10.40 -15.13 6.76
CA ARG A 91 10.33 -14.05 5.78
C ARG A 91 10.63 -12.71 6.47
N ILE A 92 11.81 -12.64 7.05
CA ILE A 92 12.27 -11.56 7.91
C ILE A 92 13.03 -10.55 7.06
N GLY A 93 13.17 -9.33 7.58
CA GLY A 93 14.10 -8.38 7.04
C GLY A 93 15.09 -8.00 8.13
N VAL A 94 16.33 -7.72 7.73
CA VAL A 94 17.35 -7.29 8.69
C VAL A 94 18.17 -6.14 8.13
N GLY A 95 18.63 -5.29 9.03
CA GLY A 95 19.54 -4.22 8.66
C GLY A 95 20.53 -4.00 9.79
N VAL A 96 21.70 -3.48 9.45
CA VAL A 96 22.75 -3.26 10.43
C VAL A 96 22.92 -1.76 10.67
N ILE A 97 22.92 -1.36 11.94
CA ILE A 97 23.14 0.02 12.35
C ILE A 97 24.16 0.08 13.48
N ASP A 98 25.31 0.72 13.21
CA ASP A 98 26.36 0.84 14.23
C ASP A 98 26.76 -0.50 14.83
N GLY A 99 26.92 -1.51 13.98
CA GLY A 99 27.29 -2.82 14.47
C GLY A 99 26.20 -3.59 15.19
N HIS A 100 24.94 -3.14 15.13
CA HIS A 100 23.83 -3.83 15.76
C HIS A 100 22.89 -4.36 14.67
N ILE A 101 22.32 -5.56 14.91
CA ILE A 101 21.45 -6.23 13.94
C ILE A 101 20.00 -5.93 14.30
N TYR A 102 19.24 -5.46 13.32
CA TYR A 102 17.84 -5.16 13.52
C TYR A 102 17.02 -6.19 12.76
N ALA A 103 16.25 -6.97 13.50
CA ALA A 103 15.37 -7.99 12.94
C ALA A 103 13.97 -7.40 12.83
N VAL A 104 13.39 -7.44 11.64
CA VAL A 104 12.20 -6.65 11.34
C VAL A 104 11.11 -7.56 10.79
N GLY A 105 9.95 -7.57 11.43
CA GLY A 105 8.75 -8.17 10.84
C GLY A 105 8.82 -9.68 10.79
N GLY A 106 8.40 -10.25 9.64
CA GLY A 106 8.36 -11.68 9.50
C GLY A 106 7.15 -12.28 10.18
N SER A 107 6.95 -13.57 9.98
CA SER A 107 5.78 -14.25 10.51
C SER A 107 6.15 -15.35 11.49
N HIS A 108 5.19 -15.70 12.32
CA HIS A 108 5.30 -16.87 13.17
C HIS A 108 3.95 -17.56 13.10
N GLY A 109 3.86 -18.60 12.27
CA GLY A 109 2.58 -19.22 12.02
C GLY A 109 1.63 -18.22 11.39
N CYS A 110 0.50 -17.99 12.05
CA CYS A 110 -0.44 -17.00 11.57
C CYS A 110 -0.16 -15.60 12.07
N ILE A 111 0.73 -15.44 13.05
CA ILE A 111 1.04 -14.10 13.57
C ILE A 111 1.95 -13.39 12.58
N HIS A 112 1.52 -12.21 12.12
CA HIS A 112 2.32 -11.32 11.29
C HIS A 112 2.93 -10.23 12.15
N HIS A 113 4.24 -10.16 12.20
CA HIS A 113 4.87 -9.29 13.16
C HIS A 113 4.91 -7.85 12.69
N ASN A 114 4.66 -6.96 13.63
CA ASN A 114 5.14 -5.60 13.49
C ASN A 114 6.30 -5.36 14.45
N SER A 115 6.60 -6.33 15.33
CA SER A 115 7.68 -6.14 16.28
C SER A 115 9.02 -6.09 15.56
N VAL A 116 9.98 -5.50 16.25
CA VAL A 116 11.34 -5.35 15.77
C VAL A 116 12.24 -5.47 16.98
N GLU A 117 13.35 -6.19 16.82
CA GLU A 117 14.31 -6.33 17.91
C GLU A 117 15.72 -6.07 17.41
N ARG A 118 16.55 -5.63 18.33
CA ARG A 118 17.93 -5.25 18.07
C ARG A 118 18.87 -6.24 18.75
N TYR A 119 19.93 -6.64 18.06
CA TYR A 119 20.87 -7.62 18.60
C TYR A 119 22.23 -6.94 18.78
N GLU A 120 22.83 -7.12 19.96
CA GLU A 120 24.14 -6.54 20.22
C GLU A 120 25.19 -7.65 20.22
N PRO A 121 26.05 -7.73 19.19
CA PRO A 121 27.05 -8.80 19.12
C PRO A 121 28.05 -8.80 20.27
N GLU A 122 28.35 -7.68 20.88
CA GLU A 122 29.34 -7.71 21.95
C GLU A 122 28.81 -8.32 23.23
N ARG A 123 27.49 -8.28 23.47
CA ARG A 123 26.89 -9.01 24.58
C ARG A 123 26.07 -10.24 24.17
N ASP A 124 25.97 -10.56 22.89
CA ASP A 124 25.12 -11.67 22.44
C ASP A 124 23.74 -11.55 23.10
N GLU A 125 23.13 -10.36 22.91
CA GLU A 125 21.84 -10.05 23.51
C GLU A 125 20.88 -9.43 22.49
N TRP A 126 19.60 -9.67 22.74
CA TRP A 126 18.50 -9.20 21.90
C TRP A 126 17.57 -8.37 22.76
N HIS A 127 17.32 -7.13 22.34
CA HIS A 127 16.35 -6.27 23.01
C HIS A 127 15.28 -5.81 22.04
N LEU A 128 14.05 -5.73 22.49
CA LEU A 128 12.94 -5.28 21.67
C LEU A 128 12.95 -3.80 21.50
N VAL A 129 12.64 -3.32 20.31
CA VAL A 129 12.57 -1.91 20.10
C VAL A 129 11.15 -1.51 19.78
N ALA A 130 10.95 -0.30 19.32
CA ALA A 130 9.63 0.14 18.96
C ALA A 130 9.09 -0.60 17.77
N PRO A 131 7.87 -1.08 17.88
CA PRO A 131 7.29 -1.78 16.75
C PRO A 131 7.01 -0.89 15.57
N MET A 132 6.90 -1.53 14.44
CA MET A 132 6.60 -0.87 13.20
C MET A 132 5.16 -0.42 13.17
N LEU A 133 4.85 0.46 12.25
CA LEU A 133 3.50 0.94 12.10
C LEU A 133 2.62 -0.06 11.39
N THR A 134 3.21 -0.99 10.69
CA THR A 134 2.56 -1.99 9.92
C THR A 134 3.09 -3.38 10.24
N ARG A 135 2.25 -4.38 10.10
CA ARG A 135 2.68 -5.73 10.29
C ARG A 135 3.20 -6.08 8.92
N ARG A 136 4.46 -6.46 8.85
CA ARG A 136 5.07 -6.76 7.59
C ARG A 136 5.87 -8.02 7.50
N ILE A 137 5.39 -9.01 6.78
CA ILE A 137 6.18 -10.19 6.51
C ILE A 137 6.59 -10.10 5.07
N GLY A 138 7.76 -10.57 4.73
CA GLY A 138 8.23 -10.46 3.37
C GLY A 138 8.68 -9.06 3.09
N VAL A 139 9.18 -8.42 4.13
CA VAL A 139 9.59 -7.06 4.10
C VAL A 139 11.04 -6.87 3.69
N GLY A 140 11.31 -5.83 2.96
CA GLY A 140 12.66 -5.48 2.55
C GLY A 140 13.18 -4.45 3.53
N VAL A 141 14.42 -4.57 3.91
CA VAL A 141 14.98 -3.68 4.90
C VAL A 141 16.28 -3.06 4.44
N ALA A 142 16.44 -1.77 4.66
CA ALA A 142 17.65 -1.09 4.31
C ALA A 142 18.04 -0.02 5.30
N VAL A 143 19.31 0.26 5.31
CA VAL A 143 19.86 1.26 6.18
C VAL A 143 20.54 2.34 5.38
N LEU A 144 20.08 3.56 5.53
CA LEU A 144 20.63 4.67 4.79
C LEU A 144 20.90 5.76 5.77
N ASN A 145 22.16 6.18 5.86
CA ASN A 145 22.61 7.22 6.77
C ASN A 145 22.16 6.95 8.16
N ARG A 146 22.43 5.75 8.64
CA ARG A 146 22.08 5.27 9.97
C ARG A 146 20.62 5.22 10.36
N LEU A 147 19.75 5.20 9.39
CA LEU A 147 18.33 5.13 9.63
C LEU A 147 17.86 3.82 9.03
N LEU A 148 16.89 3.19 9.65
CA LEU A 148 16.41 1.93 9.16
C LEU A 148 15.10 1.98 8.44
N TYR A 149 15.08 1.50 7.21
CA TYR A 149 13.88 1.52 6.41
C TYR A 149 13.27 0.15 6.16
N ALA A 150 11.97 0.04 6.38
CA ALA A 150 11.23 -1.18 6.16
C ALA A 150 10.32 -0.92 4.97
N VAL A 151 10.47 -1.71 3.90
CA VAL A 151 9.74 -1.47 2.66
C VAL A 151 8.85 -2.59 2.15
N GLY A 152 7.64 -2.27 1.72
CA GLY A 152 6.78 -3.30 1.21
C GLY A 152 6.33 -4.35 2.19
N GLY A 153 6.05 -5.54 1.71
CA GLY A 153 5.59 -6.62 2.55
C GLY A 153 4.15 -7.02 2.42
N PHE A 154 3.76 -7.96 3.26
CA PHE A 154 2.43 -8.52 3.32
C PHE A 154 1.97 -8.47 4.76
N ASP A 155 0.76 -8.04 5.01
CA ASP A 155 0.30 -7.94 6.37
C ASP A 155 -0.61 -9.06 6.79
N GLY A 156 -0.77 -10.01 5.92
CA GLY A 156 -1.64 -11.10 6.22
C GLY A 156 -2.92 -11.00 5.48
N THR A 157 -3.21 -9.85 4.93
CA THR A 157 -4.41 -9.64 4.18
C THR A 157 -4.11 -8.87 2.95
N ASN A 158 -3.23 -7.91 3.06
CA ASN A 158 -2.88 -7.09 1.93
C ASN A 158 -1.41 -7.00 1.70
N ARG A 159 -1.04 -6.92 0.44
CA ARG A 159 0.33 -6.76 0.11
C ARG A 159 0.58 -5.27 0.09
N LEU A 160 1.76 -4.87 0.52
CA LEU A 160 2.06 -3.47 0.68
C LEU A 160 2.99 -2.78 -0.25
N ASN A 161 2.79 -1.49 -0.37
CA ASN A 161 3.67 -0.64 -1.14
C ASN A 161 4.26 0.46 -0.28
N SER A 162 3.84 0.52 0.97
CA SER A 162 4.30 1.52 1.87
C SER A 162 5.65 1.21 2.46
N ALA A 163 6.27 2.23 3.02
CA ALA A 163 7.57 2.11 3.63
C ALA A 163 7.62 3.03 4.80
N GLU A 164 8.31 2.62 5.84
CA GLU A 164 8.46 3.41 7.05
C GLU A 164 9.92 3.50 7.46
N CYS A 165 10.24 4.48 8.28
CA CYS A 165 11.61 4.68 8.69
C CYS A 165 11.76 4.69 10.19
N TYR A 166 12.76 3.99 10.70
CA TYR A 166 13.01 3.93 12.12
C TYR A 166 14.19 4.77 12.55
N TYR A 167 14.02 5.57 13.60
CA TYR A 167 15.07 6.39 14.16
C TYR A 167 15.51 5.72 15.44
N PRO A 168 16.69 5.13 15.44
CA PRO A 168 17.26 4.38 16.56
C PRO A 168 17.35 5.12 17.87
N GLU A 169 17.73 6.38 17.85
CA GLU A 169 17.86 7.12 19.07
C GLU A 169 16.55 7.72 19.48
N ARG A 170 15.70 7.97 18.51
CA ARG A 170 14.39 8.51 18.80
C ARG A 170 13.45 7.36 19.15
N ASN A 171 13.81 6.16 18.74
CA ASN A 171 13.04 4.95 18.96
C ASN A 171 11.63 4.98 18.45
N GLU A 172 11.43 5.40 17.22
CA GLU A 172 10.08 5.40 16.69
C GLU A 172 10.14 5.34 15.17
N TRP A 173 9.01 4.97 14.60
CA TRP A 173 8.89 4.79 13.17
C TRP A 173 8.08 5.94 12.63
N ARG A 174 8.35 6.34 11.40
CA ARG A 174 7.49 7.29 10.73
C ARG A 174 7.37 6.87 9.28
N MET A 175 6.18 7.08 8.72
CA MET A 175 5.89 6.62 7.37
C MET A 175 6.66 7.48 6.39
N ILE A 176 6.93 6.93 5.21
CA ILE A 176 7.60 7.74 4.20
C ILE A 176 6.79 7.62 2.91
N THR A 177 7.31 8.18 1.81
CA THR A 177 6.63 8.04 0.53
C THR A 177 6.56 6.56 0.13
N ALA A 178 5.38 6.12 -0.29
CA ALA A 178 5.20 4.74 -0.70
C ALA A 178 5.84 4.49 -2.06
N MET A 179 6.16 3.22 -2.31
CA MET A 179 6.70 2.86 -3.60
C MET A 179 5.63 3.05 -4.69
N ASN A 180 6.09 3.10 -5.94
CA ASN A 180 5.16 3.11 -7.04
C ASN A 180 4.42 1.77 -7.13
N THR A 181 5.06 0.67 -6.72
CA THR A 181 4.54 -0.68 -6.86
C THR A 181 4.43 -1.40 -5.51
N ILE A 182 3.31 -2.12 -5.33
CA ILE A 182 3.12 -3.00 -4.19
C ILE A 182 4.04 -4.20 -4.34
N ARG A 183 4.86 -4.45 -3.32
CA ARG A 183 5.88 -5.49 -3.39
C ARG A 183 5.95 -6.18 -2.05
N SER A 184 5.75 -7.50 -2.08
CA SER A 184 6.12 -8.35 -0.97
C SER A 184 7.24 -9.25 -1.48
N GLY A 185 8.13 -9.63 -0.57
CA GLY A 185 9.28 -10.45 -0.95
C GLY A 185 10.14 -9.84 -2.05
N ALA A 186 10.32 -8.53 -2.03
CA ALA A 186 11.26 -7.95 -2.95
C ALA A 186 12.67 -7.94 -2.34
N GLY A 187 13.64 -7.61 -3.14
CA GLY A 187 15.00 -7.41 -2.70
C GLY A 187 15.26 -5.94 -2.51
N VAL A 188 15.68 -5.56 -1.31
CA VAL A 188 15.90 -4.18 -0.97
C VAL A 188 17.34 -4.01 -0.47
N CYS A 189 18.04 -3.03 -1.03
CA CYS A 189 19.41 -2.76 -0.63
C CYS A 189 19.70 -1.29 -0.83
N VAL A 190 20.86 -0.84 -0.35
CA VAL A 190 21.32 0.53 -0.55
C VAL A 190 22.49 0.49 -1.52
N LEU A 191 22.44 1.33 -2.54
CA LEU A 191 23.53 1.52 -3.49
C LEU A 191 23.79 3.00 -3.60
N HIS A 192 25.04 3.40 -3.33
CA HIS A 192 25.39 4.80 -3.22
C HIS A 192 24.48 5.45 -2.17
N ASN A 193 23.65 6.45 -2.52
CA ASN A 193 22.73 6.93 -1.50
C ASN A 193 21.28 6.77 -1.94
N CYS A 194 20.94 5.64 -2.52
CA CYS A 194 19.58 5.39 -2.95
C CYS A 194 19.18 3.99 -2.53
N ILE A 195 17.96 3.88 -2.00
CA ILE A 195 17.41 2.60 -1.58
C ILE A 195 16.79 1.91 -2.78
N TYR A 196 17.24 0.71 -3.10
CA TYR A 196 16.74 -0.01 -4.25
C TYR A 196 15.72 -1.08 -3.84
N ALA A 197 14.56 -1.08 -4.49
CA ALA A 197 13.59 -2.17 -4.34
C ALA A 197 13.44 -2.86 -5.69
N ALA A 198 13.74 -4.17 -5.70
CA ALA A 198 13.79 -4.94 -6.94
C ALA A 198 12.88 -6.14 -6.85
N GLY A 199 12.12 -6.38 -7.92
CA GLY A 199 11.31 -7.58 -7.96
C GLY A 199 10.24 -7.58 -6.89
N GLY A 200 9.78 -8.77 -6.58
CA GLY A 200 8.77 -8.97 -5.55
C GLY A 200 7.50 -9.57 -6.14
N TYR A 201 6.48 -9.63 -5.29
CA TYR A 201 5.17 -10.16 -5.67
C TYR A 201 4.11 -9.15 -5.25
N ASP A 202 3.18 -8.84 -6.17
CA ASP A 202 2.14 -7.86 -5.90
C ASP A 202 0.77 -8.50 -5.68
N GLY A 203 0.73 -9.79 -5.33
CA GLY A 203 -0.54 -10.48 -5.18
C GLY A 203 -1.09 -11.06 -6.47
N GLN A 204 -0.47 -10.78 -7.59
CA GLN A 204 -0.92 -11.25 -8.88
C GLN A 204 0.23 -11.60 -9.80
N ASP A 205 1.35 -10.89 -9.76
CA ASP A 205 2.45 -11.21 -10.64
C ASP A 205 3.76 -11.11 -9.89
N GLN A 206 4.70 -11.97 -10.24
CA GLN A 206 6.06 -11.72 -9.84
C GLN A 206 6.55 -10.60 -10.74
N LEU A 207 7.44 -9.76 -10.21
CA LEU A 207 7.78 -8.48 -10.82
C LEU A 207 9.25 -8.46 -11.20
N ASN A 208 9.56 -7.82 -12.32
CA ASN A 208 10.91 -7.51 -12.74
C ASN A 208 11.25 -6.03 -12.57
N SER A 209 10.27 -5.20 -12.22
CA SER A 209 10.52 -3.78 -12.07
C SER A 209 11.45 -3.52 -10.89
N VAL A 210 12.21 -2.42 -10.98
CA VAL A 210 13.11 -1.95 -9.92
C VAL A 210 12.90 -0.44 -9.75
N GLU A 211 12.79 -0.01 -8.49
CA GLU A 211 12.63 1.42 -8.20
C GLU A 211 13.51 1.78 -7.01
N ARG A 212 14.07 2.99 -7.06
CA ARG A 212 15.00 3.45 -6.02
C ARG A 212 14.50 4.73 -5.37
N TYR A 213 14.68 4.81 -4.06
CA TYR A 213 14.21 5.96 -3.28
C TYR A 213 15.35 6.93 -3.03
N ASP A 214 15.12 8.19 -3.38
CA ASP A 214 16.06 9.26 -3.05
C ASP A 214 15.59 10.02 -1.82
N VAL A 215 16.44 10.08 -0.79
CA VAL A 215 16.08 10.80 0.42
C VAL A 215 15.95 12.30 0.14
N ALA A 216 16.86 12.84 -0.69
CA ALA A 216 16.91 14.29 -0.88
C ALA A 216 15.63 14.83 -1.51
N THR A 217 14.95 14.02 -2.33
CA THR A 217 13.68 14.41 -2.91
C THR A 217 12.53 13.61 -2.31
N ALA A 218 12.81 12.72 -1.36
CA ALA A 218 11.84 11.81 -0.76
C ALA A 218 10.93 11.16 -1.82
N THR A 219 11.55 10.55 -2.85
CA THR A 219 10.83 10.02 -4.01
C THR A 219 11.37 8.69 -4.51
N TRP A 220 10.43 7.81 -4.87
CA TRP A 220 10.75 6.56 -5.53
C TRP A 220 10.69 6.78 -7.04
N THR A 221 11.82 6.55 -7.72
CA THR A 221 11.91 6.65 -9.16
C THR A 221 12.24 5.26 -9.72
N PHE A 222 11.67 4.94 -10.89
CA PHE A 222 11.89 3.64 -11.51
C PHE A 222 13.20 3.62 -12.27
N VAL A 223 13.87 2.47 -12.24
CA VAL A 223 15.10 2.29 -12.99
C VAL A 223 14.93 1.06 -13.89
N ALA A 224 16.01 0.69 -14.56
CA ALA A 224 16.01 -0.42 -15.50
C ALA A 224 15.50 -1.70 -14.82
N PRO A 225 14.55 -2.40 -15.42
CA PRO A 225 14.04 -3.64 -14.81
C PRO A 225 14.97 -4.83 -15.04
N MET A 226 14.81 -5.84 -14.19
CA MET A 226 15.60 -7.05 -14.38
C MET A 226 15.17 -7.79 -15.63
N LYS A 227 16.00 -8.77 -15.99
CA LYS A 227 15.67 -9.62 -17.11
C LYS A 227 14.64 -10.67 -16.73
N HIS A 228 14.56 -11.04 -15.45
CA HIS A 228 13.63 -12.08 -15.03
C HIS A 228 12.84 -11.63 -13.82
N ARG A 229 11.52 -11.66 -13.94
CA ARG A 229 10.63 -11.49 -12.80
C ARG A 229 10.96 -12.54 -11.75
N ARG A 230 10.90 -12.14 -10.49
CA ARG A 230 11.25 -13.07 -9.44
C ARG A 230 10.75 -12.48 -8.14
N SER A 231 10.31 -13.33 -7.23
CA SER A 231 10.07 -12.81 -5.89
C SER A 231 10.78 -13.76 -4.92
N ALA A 232 10.92 -13.30 -3.67
CA ALA A 232 11.69 -14.03 -2.65
C ALA A 232 13.12 -14.27 -3.14
N LEU A 233 13.68 -13.25 -3.75
CA LEU A 233 15.04 -13.23 -4.28
C LEU A 233 16.02 -12.76 -3.20
N GLY A 234 17.26 -13.16 -3.35
CA GLY A 234 18.33 -12.61 -2.54
C GLY A 234 18.97 -11.42 -3.24
N ILE A 235 19.45 -10.47 -2.44
CA ILE A 235 20.04 -9.26 -2.99
C ILE A 235 21.19 -8.78 -2.11
N THR A 236 22.20 -8.23 -2.77
CA THR A 236 23.34 -7.64 -2.06
C THR A 236 24.03 -6.67 -3.00
N VAL A 237 24.98 -5.94 -2.45
CA VAL A 237 25.76 -4.98 -3.20
C VAL A 237 27.22 -5.40 -3.09
N HIS A 238 27.91 -5.40 -4.22
CA HIS A 238 29.31 -5.75 -4.25
C HIS A 238 29.99 -4.85 -5.27
N GLN A 239 31.02 -4.13 -4.80
CA GLN A 239 31.86 -3.24 -5.60
C GLN A 239 31.02 -2.31 -6.48
N GLY A 240 30.10 -1.60 -5.84
CA GLY A 240 29.26 -0.63 -6.53
C GLY A 240 28.28 -1.20 -7.53
N ARG A 241 27.90 -2.47 -7.39
CA ARG A 241 26.91 -3.05 -8.29
C ARG A 241 25.98 -3.92 -7.47
N ILE A 242 24.75 -4.08 -7.95
CA ILE A 242 23.75 -4.86 -7.23
C ILE A 242 23.71 -6.25 -7.83
N TYR A 243 23.48 -7.24 -6.97
CA TYR A 243 23.41 -8.64 -7.35
C TYR A 243 22.08 -9.17 -6.82
N VAL A 244 21.31 -9.82 -7.69
CA VAL A 244 20.09 -10.50 -7.24
C VAL A 244 20.24 -11.98 -7.55
N LEU A 245 19.83 -12.82 -6.61
CA LEU A 245 20.14 -14.24 -6.72
C LEU A 245 18.86 -15.04 -6.59
N GLY A 246 18.56 -15.86 -7.59
CA GLY A 246 17.46 -16.76 -7.35
C GLY A 246 16.10 -16.08 -7.35
N GLY A 247 15.21 -16.66 -6.56
CA GLY A 247 13.84 -16.21 -6.49
C GLY A 247 12.92 -17.22 -7.15
N TYR A 248 11.65 -16.85 -7.14
CA TYR A 248 10.56 -17.65 -7.67
C TYR A 248 9.76 -16.78 -8.64
N ASP A 249 9.47 -17.31 -9.83
CA ASP A 249 8.78 -16.55 -10.87
C ASP A 249 7.37 -17.07 -11.13
N GLY A 250 6.78 -17.79 -10.18
CA GLY A 250 5.47 -18.34 -10.35
C GLY A 250 5.45 -19.76 -10.89
N HIS A 251 6.54 -20.22 -11.54
CA HIS A 251 6.65 -21.56 -12.10
C HIS A 251 7.92 -22.29 -11.64
N THR A 252 9.04 -21.59 -11.55
CA THR A 252 10.31 -22.24 -11.26
C THR A 252 11.07 -21.46 -10.20
N PHE A 253 11.93 -22.18 -9.50
CA PHE A 253 12.88 -21.60 -8.57
C PHE A 253 14.12 -21.28 -9.37
N LEU A 254 14.35 -19.99 -9.58
CA LEU A 254 15.41 -19.56 -10.48
C LEU A 254 16.79 -19.82 -9.87
N ASP A 255 17.79 -20.01 -10.74
CA ASP A 255 19.18 -19.95 -10.35
C ASP A 255 19.91 -18.81 -11.04
N SER A 256 19.20 -18.05 -11.86
CA SER A 256 19.75 -16.86 -12.48
C SER A 256 20.31 -15.90 -11.43
N VAL A 257 21.47 -15.31 -11.73
CA VAL A 257 22.03 -14.23 -10.91
C VAL A 257 22.28 -13.04 -11.81
N GLU A 258 21.59 -11.93 -11.51
CA GLU A 258 21.65 -10.69 -12.28
C GLU A 258 22.42 -9.64 -11.50
N CYS A 259 23.20 -8.86 -12.23
CA CYS A 259 23.98 -7.74 -11.73
C CYS A 259 23.51 -6.43 -12.36
N TYR A 260 23.32 -5.40 -11.54
CA TYR A 260 22.91 -4.09 -12.03
C TYR A 260 24.07 -3.10 -11.93
N ASP A 261 24.42 -2.49 -13.06
CA ASP A 261 25.43 -1.46 -13.06
C ASP A 261 24.70 -0.13 -13.00
N PRO A 262 24.87 0.65 -11.94
CA PRO A 262 24.15 1.94 -11.87
C PRO A 262 24.69 2.96 -12.82
N ASP A 263 25.96 2.84 -13.24
CA ASP A 263 26.54 3.83 -14.14
C ASP A 263 25.98 3.69 -15.55
N THR A 264 25.47 2.52 -15.89
CA THR A 264 24.82 2.37 -17.18
C THR A 264 23.36 1.98 -17.07
N ASP A 265 22.80 1.91 -15.88
CA ASP A 265 21.41 1.51 -15.68
C ASP A 265 21.11 0.30 -16.57
N THR A 266 21.82 -0.79 -16.31
CA THR A 266 21.59 -2.02 -17.06
C THR A 266 21.78 -3.21 -16.15
N TRP A 267 21.07 -4.28 -16.48
CA TRP A 267 21.14 -5.55 -15.79
C TRP A 267 21.86 -6.55 -16.69
N SER A 268 22.64 -7.44 -16.09
CA SER A 268 23.25 -8.53 -16.82
C SER A 268 23.17 -9.82 -16.03
N GLU A 269 23.16 -10.94 -16.75
CA GLU A 269 23.19 -12.26 -16.15
C GLU A 269 24.66 -12.68 -16.07
N VAL A 270 25.21 -12.71 -14.85
CA VAL A 270 26.62 -13.02 -14.66
C VAL A 270 26.87 -14.52 -14.41
N THR A 271 25.97 -15.20 -13.70
CA THR A 271 26.26 -16.56 -13.25
C THR A 271 24.92 -17.24 -12.97
N ARG A 272 24.96 -18.56 -12.79
CA ARG A 272 23.86 -19.32 -12.24
C ARG A 272 24.28 -19.92 -10.91
N MET A 273 23.37 -20.00 -9.95
CA MET A 273 23.69 -20.78 -8.77
C MET A 273 23.76 -22.27 -9.10
N THR A 274 24.34 -23.05 -8.17
CA THR A 274 24.46 -24.49 -8.43
C THR A 274 23.09 -25.15 -8.57
N SER A 275 22.05 -24.59 -7.93
CA SER A 275 20.70 -25.13 -8.01
C SER A 275 19.73 -23.99 -7.69
N GLY A 276 18.66 -23.87 -8.49
CA GLY A 276 17.64 -22.88 -8.23
C GLY A 276 17.10 -22.91 -6.82
N ARG A 277 16.74 -21.76 -6.28
CA ARG A 277 16.23 -21.71 -4.91
C ARG A 277 15.69 -20.31 -4.70
N SER A 278 14.86 -20.18 -3.68
CA SER A 278 14.34 -18.88 -3.31
C SER A 278 14.49 -18.70 -1.81
N GLY A 279 14.15 -17.50 -1.34
CA GLY A 279 14.18 -17.25 0.08
C GLY A 279 15.52 -17.46 0.76
N VAL A 280 16.59 -16.95 0.16
CA VAL A 280 17.95 -17.08 0.71
C VAL A 280 18.30 -15.85 1.53
N GLY A 281 19.24 -16.02 2.45
CA GLY A 281 20.00 -14.91 2.95
C GLY A 281 21.28 -14.67 2.18
N VAL A 282 21.60 -13.40 1.98
CA VAL A 282 22.71 -13.01 1.12
C VAL A 282 23.47 -11.86 1.76
N ALA A 283 24.80 -11.98 1.78
CA ALA A 283 25.63 -10.91 2.32
C ALA A 283 27.01 -11.02 1.67
N VAL A 284 27.85 -10.00 1.92
CA VAL A 284 29.19 -9.96 1.36
C VAL A 284 30.18 -9.81 2.51
N THR A 285 31.19 -10.66 2.51
CA THR A 285 32.25 -10.50 3.49
C THR A 285 33.52 -11.15 2.92
N MET A 286 34.58 -11.20 3.73
CA MET A 286 35.85 -11.62 3.19
C MET A 286 35.73 -13.05 2.73
N GLU A 287 36.46 -13.37 1.72
CA GLU A 287 36.39 -14.78 1.29
C GLU A 287 36.93 -15.73 2.36
N PRO A 288 36.78 -17.06 2.29
CA PRO A 288 37.04 -17.83 3.52
C PRO A 288 38.53 -18.05 3.67
N SER A 289 39.03 -19.17 4.07
CA SER A 289 40.50 -19.32 4.04
C SER A 289 40.93 -20.68 3.51
N ARG A 290 41.98 -20.73 2.69
CA ARG A 290 42.15 -21.99 1.83
C ARG A 290 42.20 -23.26 2.70
N LEU B 3 -28.43 22.55 2.61
CA LEU B 3 -27.43 22.83 1.59
C LEU B 3 -26.62 21.60 1.07
N ILE B 4 -26.70 20.42 1.70
CA ILE B 4 -25.90 19.28 1.25
C ILE B 4 -26.79 18.19 0.67
N TYR B 5 -26.51 17.82 -0.57
CA TYR B 5 -27.34 16.84 -1.24
C TYR B 5 -26.71 15.47 -1.22
N THR B 6 -27.57 14.47 -1.08
CA THR B 6 -27.17 13.08 -1.24
C THR B 6 -27.92 12.48 -2.42
N ALA B 7 -27.17 11.86 -3.33
CA ALA B 7 -27.70 11.31 -4.56
C ALA B 7 -27.39 9.83 -4.63
N GLY B 8 -28.40 9.06 -5.04
CA GLY B 8 -28.20 7.64 -5.19
C GLY B 8 -28.10 6.95 -3.85
N GLY B 9 -27.40 5.82 -3.86
CA GLY B 9 -27.14 5.03 -2.70
C GLY B 9 -27.60 3.60 -2.95
N TYR B 10 -27.51 2.80 -1.89
CA TYR B 10 -27.90 1.40 -2.05
C TYR B 10 -28.48 0.85 -0.77
N PHE B 11 -29.63 0.22 -0.91
CA PHE B 11 -30.29 -0.55 0.13
C PHE B 11 -31.22 -1.44 -0.69
N ARG B 12 -30.75 -2.63 -1.02
CA ARG B 12 -31.39 -3.69 -1.79
C ARG B 12 -31.34 -3.45 -3.30
N GLN B 13 -31.09 -2.23 -3.73
CA GLN B 13 -30.88 -2.01 -5.16
C GLN B 13 -30.30 -0.61 -5.23
N SER B 14 -29.96 -0.19 -6.43
CA SER B 14 -29.43 1.15 -6.56
C SER B 14 -30.64 2.08 -6.48
N LEU B 15 -30.47 3.17 -5.75
CA LEU B 15 -31.58 4.05 -5.47
C LEU B 15 -31.54 5.27 -6.38
N SER B 16 -32.68 5.92 -6.55
CA SER B 16 -32.70 7.16 -7.29
C SER B 16 -33.00 8.34 -6.39
N TYR B 17 -32.98 8.15 -5.06
CA TYR B 17 -33.20 9.23 -4.11
C TYR B 17 -32.28 10.43 -4.39
N LEU B 18 -32.83 11.62 -4.22
CA LEU B 18 -32.09 12.87 -4.19
C LEU B 18 -32.64 13.68 -3.03
N GLU B 19 -31.84 13.87 -1.99
CA GLU B 19 -32.35 14.50 -0.77
C GLU B 19 -31.35 15.54 -0.30
N ALA B 20 -31.90 16.61 0.27
CA ALA B 20 -31.12 17.73 0.79
C ALA B 20 -31.29 17.76 2.31
N TYR B 21 -30.17 17.89 3.00
CA TYR B 21 -30.15 18.05 4.44
C TYR B 21 -29.64 19.44 4.80
N ASN B 22 -30.19 20.02 5.86
CA ASN B 22 -29.80 21.36 6.30
C ASN B 22 -29.12 21.30 7.65
N PRO B 23 -27.87 21.74 7.79
CA PRO B 23 -27.20 21.65 9.10
C PRO B 23 -27.80 22.55 10.19
N SER B 24 -28.83 23.34 9.90
CA SER B 24 -29.54 24.04 10.96
C SER B 24 -31.02 23.64 11.07
N ASP B 25 -31.56 22.84 10.14
CA ASP B 25 -32.94 22.36 10.33
C ASP B 25 -33.14 21.01 11.01
N GLY B 26 -32.69 19.94 10.36
CA GLY B 26 -33.15 18.58 10.63
C GLY B 26 -34.06 18.12 9.50
N THR B 27 -34.97 17.22 9.87
CA THR B 27 -36.00 16.67 8.93
C THR B 27 -35.35 16.18 7.62
N TRP B 28 -35.84 16.62 6.46
CA TRP B 28 -35.24 16.24 5.19
C TRP B 28 -35.99 16.90 4.04
N LEU B 29 -35.28 17.39 3.01
CA LEU B 29 -35.93 17.99 1.82
C LEU B 29 -35.85 16.97 0.68
N ARG B 30 -36.97 16.45 0.24
CA ARG B 30 -36.90 15.52 -0.86
C ARG B 30 -37.13 16.21 -2.20
N LEU B 31 -36.27 15.91 -3.16
CA LEU B 31 -36.22 16.55 -4.47
C LEU B 31 -36.43 15.57 -5.62
N ALA B 32 -36.04 15.98 -6.83
CA ALA B 32 -36.25 15.17 -8.01
C ALA B 32 -35.43 13.89 -7.96
N ASP B 33 -36.09 12.77 -8.26
CA ASP B 33 -35.40 11.49 -8.38
C ASP B 33 -34.35 11.56 -9.48
N LEU B 34 -33.28 10.79 -9.28
CA LEU B 34 -32.35 10.54 -10.37
C LEU B 34 -33.11 9.87 -11.52
N GLN B 35 -32.69 10.19 -12.74
CA GLN B 35 -33.27 9.52 -13.90
C GLN B 35 -32.96 8.03 -13.88
N VAL B 36 -31.73 7.67 -13.55
CA VAL B 36 -31.33 6.26 -13.49
C VAL B 36 -30.79 5.99 -12.09
N PRO B 37 -31.29 4.95 -11.44
CA PRO B 37 -30.80 4.58 -10.11
C PRO B 37 -29.30 4.25 -10.12
N ARG B 38 -28.63 4.58 -9.01
CA ARG B 38 -27.18 4.53 -8.92
C ARG B 38 -26.72 4.39 -7.47
N SER B 39 -25.73 3.52 -7.26
CA SER B 39 -24.91 3.45 -6.05
C SER B 39 -23.43 3.42 -6.43
N GLY B 40 -22.56 3.67 -5.44
CA GLY B 40 -21.13 3.73 -5.70
C GLY B 40 -20.78 4.87 -6.63
N LEU B 41 -21.57 5.94 -6.60
CA LEU B 41 -21.38 7.10 -7.44
C LEU B 41 -20.72 8.21 -6.62
N ALA B 42 -20.31 9.25 -7.31
CA ALA B 42 -19.78 10.40 -6.61
C ALA B 42 -20.58 11.62 -7.00
N GLY B 43 -20.65 12.57 -6.08
CA GLY B 43 -21.34 13.82 -6.31
C GLY B 43 -20.42 15.01 -6.13
N CYS B 44 -20.63 16.03 -6.95
CA CYS B 44 -19.92 17.30 -6.82
C CYS B 44 -20.83 18.43 -7.29
N VAL B 45 -20.38 19.66 -7.02
CA VAL B 45 -21.03 20.93 -7.39
C VAL B 45 -20.07 21.88 -8.03
N VAL B 46 -20.41 22.27 -9.26
CA VAL B 46 -19.67 23.23 -10.07
C VAL B 46 -20.66 24.26 -10.57
N GLY B 47 -20.29 25.53 -10.44
CA GLY B 47 -21.16 26.63 -10.81
C GLY B 47 -22.52 26.52 -10.14
N GLY B 48 -22.55 25.99 -8.91
CA GLY B 48 -23.79 25.83 -8.17
C GLY B 48 -24.63 24.62 -8.53
N LEU B 49 -24.39 24.00 -9.68
CA LEU B 49 -25.21 22.91 -10.17
C LEU B 49 -24.57 21.56 -9.81
N LEU B 50 -25.42 20.58 -9.48
CA LEU B 50 -24.99 19.33 -8.85
C LEU B 50 -24.70 18.25 -9.90
N TYR B 51 -23.45 17.82 -10.00
CA TYR B 51 -23.10 16.75 -10.93
C TYR B 51 -23.09 15.40 -10.23
N ALA B 52 -23.71 14.40 -10.86
CA ALA B 52 -23.68 13.02 -10.39
C ALA B 52 -22.93 12.16 -11.40
N VAL B 53 -21.89 11.46 -10.93
CA VAL B 53 -20.87 10.88 -11.79
C VAL B 53 -20.76 9.39 -11.49
N GLY B 54 -20.75 8.57 -12.54
CA GLY B 54 -20.46 7.15 -12.46
C GLY B 54 -21.46 6.35 -11.64
N GLY B 55 -20.95 5.28 -11.04
CA GLY B 55 -21.72 4.38 -10.21
C GLY B 55 -22.20 3.15 -10.95
N ARG B 56 -23.23 2.52 -10.39
CA ARG B 56 -23.75 1.28 -10.95
C ARG B 56 -25.23 1.16 -10.62
N ASN B 57 -26.00 0.62 -11.57
CA ASN B 57 -27.40 0.29 -11.32
C ASN B 57 -27.46 -1.21 -11.03
N ASN B 58 -27.56 -1.52 -9.73
CA ASN B 58 -27.71 -2.88 -9.21
C ASN B 58 -29.18 -3.12 -8.94
N SER B 59 -29.92 -3.57 -10.00
CA SER B 59 -31.33 -3.91 -10.24
C SER B 59 -31.59 -5.41 -10.08
N PRO B 60 -32.80 -5.80 -9.63
CA PRO B 60 -33.22 -7.21 -9.73
C PRO B 60 -33.07 -7.80 -11.13
N ASP B 61 -32.91 -6.91 -12.12
CA ASP B 61 -32.73 -7.30 -13.50
C ASP B 61 -31.40 -6.91 -14.10
N GLY B 62 -30.49 -6.34 -13.33
CA GLY B 62 -29.28 -5.86 -13.97
C GLY B 62 -28.25 -5.42 -12.96
N ASN B 63 -27.03 -5.26 -13.45
CA ASN B 63 -25.94 -4.73 -12.66
C ASN B 63 -25.08 -3.81 -13.54
N THR B 64 -25.69 -2.78 -14.12
CA THR B 64 -25.00 -1.98 -15.13
C THR B 64 -24.11 -0.91 -14.51
N ASP B 65 -22.80 -1.02 -14.77
CA ASP B 65 -21.87 0.06 -14.44
C ASP B 65 -22.21 1.29 -15.27
N SER B 66 -21.96 2.44 -14.71
CA SER B 66 -22.40 3.68 -15.30
C SER B 66 -21.23 4.52 -15.77
N SER B 67 -21.37 5.09 -16.96
CA SER B 67 -20.48 6.12 -17.45
C SER B 67 -21.18 7.46 -17.52
N ALA B 68 -22.38 7.54 -16.99
CA ALA B 68 -23.23 8.70 -17.20
C ALA B 68 -22.76 9.89 -16.40
N LEU B 69 -23.03 11.07 -16.94
CA LEU B 69 -22.81 12.36 -16.29
C LEU B 69 -24.15 13.07 -16.25
N ASP B 70 -24.65 13.37 -15.07
CA ASP B 70 -25.95 14.03 -14.94
C ASP B 70 -25.84 15.22 -14.01
N CYS B 71 -26.46 16.32 -14.39
CA CYS B 71 -26.35 17.57 -13.65
C CYS B 71 -27.74 17.98 -13.17
N TYR B 72 -27.80 18.40 -11.89
CA TYR B 72 -29.05 18.75 -11.23
C TYR B 72 -29.05 20.25 -10.90
N ASN B 73 -30.23 20.88 -11.03
CA ASN B 73 -30.38 22.32 -10.81
C ASN B 73 -31.09 22.58 -9.48
N PRO B 74 -30.42 23.23 -8.52
CA PRO B 74 -30.93 23.28 -7.15
C PRO B 74 -32.22 24.06 -6.98
N MET B 75 -32.66 24.85 -7.96
CA MET B 75 -34.04 25.29 -7.91
C MET B 75 -34.66 25.38 -9.31
N THR B 76 -34.12 24.68 -10.31
CA THR B 76 -34.98 24.22 -11.38
C THR B 76 -35.67 22.93 -10.96
N ASN B 77 -35.05 22.20 -10.01
CA ASN B 77 -35.46 20.87 -9.59
C ASN B 77 -35.57 19.96 -10.79
N GLN B 78 -34.53 19.95 -11.62
CA GLN B 78 -34.62 19.09 -12.77
C GLN B 78 -33.24 18.50 -13.11
N TRP B 79 -33.23 17.26 -13.56
CA TRP B 79 -32.01 16.58 -13.95
C TRP B 79 -31.80 16.70 -15.46
N SER B 80 -30.54 16.78 -15.86
CA SER B 80 -30.22 16.89 -17.29
C SER B 80 -29.00 16.06 -17.60
N PRO B 81 -29.02 15.28 -18.68
CA PRO B 81 -27.87 14.45 -18.99
C PRO B 81 -26.74 15.25 -19.62
N CYS B 82 -25.52 14.94 -19.21
CA CYS B 82 -24.30 15.49 -19.80
C CYS B 82 -23.55 14.38 -20.52
N ALA B 83 -22.50 14.77 -21.23
CA ALA B 83 -21.78 13.78 -22.02
C ALA B 83 -21.20 12.70 -21.10
N PRO B 84 -21.30 11.44 -21.49
CA PRO B 84 -20.75 10.37 -20.65
C PRO B 84 -19.24 10.23 -20.82
N MET B 85 -18.64 9.60 -19.83
CA MET B 85 -17.21 9.45 -19.82
C MET B 85 -16.75 8.37 -20.79
N SER B 86 -15.43 8.18 -20.83
CA SER B 86 -14.85 7.24 -21.77
C SER B 86 -15.18 5.80 -21.40
N VAL B 87 -15.33 5.52 -20.10
CA VAL B 87 -15.62 4.17 -19.62
C VAL B 87 -16.62 4.26 -18.49
N PRO B 88 -17.33 3.17 -18.21
CA PRO B 88 -18.11 3.13 -16.96
C PRO B 88 -17.18 3.11 -15.76
N ARG B 89 -17.57 3.79 -14.69
CA ARG B 89 -16.75 3.90 -13.50
C ARG B 89 -17.65 3.67 -12.29
N ASN B 90 -17.66 2.43 -11.80
CA ASN B 90 -18.35 2.11 -10.56
C ASN B 90 -17.39 2.35 -9.41
N ARG B 91 -17.91 2.90 -8.30
CA ARG B 91 -17.12 3.20 -7.10
C ARG B 91 -15.97 4.16 -7.44
N ILE B 92 -16.41 5.33 -7.89
CA ILE B 92 -15.60 6.37 -8.50
C ILE B 92 -15.25 7.44 -7.47
N GLY B 93 -14.20 8.19 -7.75
CA GLY B 93 -13.90 9.40 -7.02
C GLY B 93 -13.90 10.59 -7.96
N VAL B 94 -14.30 11.75 -7.43
CA VAL B 94 -14.33 12.96 -8.24
C VAL B 94 -13.72 14.10 -7.47
N GLY B 95 -13.08 14.98 -8.21
CA GLY B 95 -12.58 16.23 -7.65
C GLY B 95 -12.73 17.31 -8.68
N VAL B 96 -12.91 18.54 -8.19
CA VAL B 96 -13.08 19.70 -9.05
C VAL B 96 -11.83 20.56 -8.99
N ILE B 97 -11.31 20.90 -10.16
CA ILE B 97 -10.18 21.81 -10.23
C ILE B 97 -10.60 22.98 -11.09
N ASP B 98 -10.64 24.14 -10.44
CA ASP B 98 -11.10 25.46 -10.83
C ASP B 98 -12.55 25.28 -11.29
N GLY B 99 -12.74 24.81 -12.52
CA GLY B 99 -14.08 24.59 -13.04
C GLY B 99 -14.25 23.29 -13.80
N HIS B 100 -13.28 22.38 -13.72
CA HIS B 100 -13.31 21.14 -14.47
C HIS B 100 -13.45 19.92 -13.57
N ILE B 101 -14.08 18.89 -14.13
CA ILE B 101 -14.44 17.67 -13.42
C ILE B 101 -13.38 16.60 -13.62
N TYR B 102 -12.91 16.01 -12.52
CA TYR B 102 -11.95 14.92 -12.55
C TYR B 102 -12.62 13.65 -12.04
N ALA B 103 -12.81 12.65 -12.90
CA ALA B 103 -13.42 11.39 -12.52
C ALA B 103 -12.34 10.34 -12.42
N VAL B 104 -12.20 9.73 -11.25
CA VAL B 104 -10.96 9.04 -10.87
C VAL B 104 -11.25 7.58 -10.63
N GLY B 105 -10.52 6.72 -11.33
CA GLY B 105 -10.51 5.32 -10.96
C GLY B 105 -11.84 4.65 -11.28
N GLY B 106 -12.36 3.89 -10.33
CA GLY B 106 -13.59 3.17 -10.54
C GLY B 106 -13.39 1.87 -11.29
N SER B 107 -14.47 1.08 -11.36
CA SER B 107 -14.45 -0.20 -12.03
C SER B 107 -15.48 -0.27 -13.15
N HIS B 108 -15.19 -1.18 -14.09
CA HIS B 108 -16.14 -1.58 -15.12
C HIS B 108 -16.05 -3.10 -15.20
N GLY B 109 -17.01 -3.76 -14.61
CA GLY B 109 -16.92 -5.21 -14.52
C GLY B 109 -15.68 -5.56 -13.73
N CYS B 110 -14.82 -6.36 -14.33
CA CYS B 110 -13.59 -6.77 -13.70
C CYS B 110 -12.46 -5.77 -13.88
N ILE B 111 -12.61 -4.81 -14.78
CA ILE B 111 -11.54 -3.84 -15.03
C ILE B 111 -11.52 -2.81 -13.91
N HIS B 112 -10.39 -2.74 -13.21
CA HIS B 112 -10.18 -1.71 -12.20
C HIS B 112 -9.36 -0.60 -12.85
N HIS B 113 -9.93 0.61 -12.91
CA HIS B 113 -9.30 1.69 -13.63
C HIS B 113 -8.17 2.30 -12.79
N ASN B 114 -7.04 2.57 -13.45
CA ASN B 114 -5.99 3.39 -12.83
C ASN B 114 -5.97 4.76 -13.45
N SER B 115 -6.66 4.93 -14.53
CA SER B 115 -6.77 6.19 -15.24
C SER B 115 -7.79 7.16 -14.62
N VAL B 116 -7.83 8.37 -15.18
CA VAL B 116 -8.77 9.41 -14.77
C VAL B 116 -9.11 10.21 -16.02
N GLU B 117 -10.26 10.90 -15.98
CA GLU B 117 -10.65 11.76 -17.10
C GLU B 117 -11.08 13.13 -16.65
N ARG B 118 -10.95 14.09 -17.56
CA ARG B 118 -11.26 15.47 -17.27
C ARG B 118 -12.45 15.91 -18.12
N TYR B 119 -13.38 16.62 -17.50
CA TYR B 119 -14.62 17.06 -18.12
C TYR B 119 -14.68 18.57 -18.09
N GLU B 120 -15.04 19.16 -19.21
CA GLU B 120 -15.20 20.61 -19.33
C GLU B 120 -16.69 20.93 -19.36
N PRO B 121 -17.24 21.60 -18.34
CA PRO B 121 -18.71 21.82 -18.32
C PRO B 121 -19.29 22.57 -19.51
N GLU B 122 -18.58 23.57 -20.04
CA GLU B 122 -19.14 24.30 -21.17
C GLU B 122 -18.78 23.68 -22.51
N ARG B 123 -17.68 22.95 -22.59
CA ARG B 123 -17.46 22.29 -23.87
C ARG B 123 -17.99 20.85 -23.87
N ASP B 124 -18.50 20.38 -22.73
CA ASP B 124 -19.11 19.06 -22.61
C ASP B 124 -18.25 17.98 -23.25
N GLU B 125 -17.00 17.85 -22.79
CA GLU B 125 -16.19 16.83 -23.42
C GLU B 125 -15.49 16.06 -22.31
N TRP B 126 -15.12 14.83 -22.59
CA TRP B 126 -14.39 14.03 -21.61
C TRP B 126 -13.09 13.59 -22.27
N HIS B 127 -11.97 14.21 -21.88
CA HIS B 127 -10.66 13.82 -22.40
C HIS B 127 -9.84 13.13 -21.31
N LEU B 128 -9.11 12.09 -21.70
CA LEU B 128 -8.34 11.29 -20.74
C LEU B 128 -7.00 11.95 -20.47
N VAL B 129 -6.67 12.06 -19.18
CA VAL B 129 -5.46 12.70 -18.70
C VAL B 129 -4.46 11.59 -18.46
N ALA B 130 -3.36 11.90 -17.76
CA ALA B 130 -2.43 10.85 -17.36
C ALA B 130 -3.10 9.91 -16.34
N PRO B 131 -2.87 8.61 -16.42
CA PRO B 131 -3.43 7.68 -15.41
C PRO B 131 -2.71 7.76 -14.07
N MET B 132 -3.42 7.37 -13.02
CA MET B 132 -2.80 7.26 -11.72
C MET B 132 -1.79 6.13 -11.69
N LEU B 133 -0.96 6.13 -10.65
CA LEU B 133 0.05 5.09 -10.48
C LEU B 133 -0.56 3.76 -10.08
N THR B 134 -1.82 3.77 -9.67
CA THR B 134 -2.46 2.63 -9.08
C THR B 134 -3.86 2.49 -9.65
N ARG B 135 -4.28 1.25 -9.89
CA ARG B 135 -5.68 0.98 -10.11
C ARG B 135 -6.44 1.18 -8.80
N ARG B 136 -7.52 1.95 -8.85
CA ARG B 136 -8.24 2.32 -7.62
C ARG B 136 -9.75 2.33 -7.86
N ILE B 137 -10.45 1.39 -7.24
CA ILE B 137 -11.89 1.53 -7.02
C ILE B 137 -12.09 1.80 -5.53
N GLY B 138 -13.24 2.38 -5.20
CA GLY B 138 -13.46 2.84 -3.83
C GLY B 138 -12.52 3.94 -3.39
N VAL B 139 -12.05 4.76 -4.34
CA VAL B 139 -11.05 5.76 -4.07
C VAL B 139 -11.69 7.00 -3.45
N GLY B 140 -10.96 7.62 -2.54
CA GLY B 140 -11.33 8.92 -2.01
C GLY B 140 -10.52 9.98 -2.75
N VAL B 141 -11.18 11.05 -3.14
CA VAL B 141 -10.56 12.07 -3.96
C VAL B 141 -10.78 13.42 -3.29
N ALA B 142 -9.74 14.25 -3.30
CA ALA B 142 -9.86 15.59 -2.76
C ALA B 142 -8.85 16.50 -3.45
N VAL B 143 -9.24 17.77 -3.57
CA VAL B 143 -8.42 18.86 -4.09
C VAL B 143 -8.04 19.80 -2.97
N LEU B 144 -6.74 19.99 -2.82
CA LEU B 144 -6.16 20.89 -1.84
C LEU B 144 -5.03 21.63 -2.54
N ASN B 145 -4.99 22.97 -2.34
CA ASN B 145 -4.03 23.85 -3.01
C ASN B 145 -4.05 23.62 -4.52
N ARG B 146 -5.23 23.25 -5.02
CA ARG B 146 -5.51 23.02 -6.43
C ARG B 146 -4.68 21.87 -6.98
N LEU B 147 -4.35 20.91 -6.11
CA LEU B 147 -3.76 19.62 -6.48
C LEU B 147 -4.80 18.53 -6.22
N LEU B 148 -4.76 17.48 -7.04
CA LEU B 148 -5.71 16.38 -6.95
C LEU B 148 -5.09 15.24 -6.16
N TYR B 149 -5.83 14.72 -5.18
CA TYR B 149 -5.36 13.63 -4.33
C TYR B 149 -6.29 12.43 -4.48
N ALA B 150 -5.73 11.27 -4.82
CA ALA B 150 -6.48 10.01 -4.86
C ALA B 150 -5.99 9.14 -3.71
N VAL B 151 -6.92 8.73 -2.83
CA VAL B 151 -6.55 8.17 -1.54
C VAL B 151 -7.22 6.81 -1.35
N GLY B 152 -6.41 5.81 -0.98
CA GLY B 152 -6.90 4.51 -0.65
C GLY B 152 -7.46 3.82 -1.88
N GLY B 153 -8.36 2.86 -1.62
CA GLY B 153 -9.07 2.18 -2.66
C GLY B 153 -8.65 0.72 -2.78
N PHE B 154 -8.94 0.15 -3.95
CA PHE B 154 -8.78 -1.27 -4.20
C PHE B 154 -8.33 -1.42 -5.64
N ASP B 155 -7.32 -2.25 -5.87
CA ASP B 155 -6.76 -2.44 -7.21
C ASP B 155 -7.26 -3.71 -7.87
N GLY B 156 -8.14 -4.45 -7.19
CA GLY B 156 -8.60 -5.73 -7.63
C GLY B 156 -8.04 -6.87 -6.82
N THR B 157 -6.90 -6.65 -6.15
CA THR B 157 -6.23 -7.64 -5.31
C THR B 157 -5.93 -7.10 -3.93
N ASN B 158 -5.41 -5.88 -3.85
CA ASN B 158 -5.00 -5.30 -2.58
C ASN B 158 -5.81 -4.07 -2.26
N ARG B 159 -6.23 -3.98 -1.00
CA ARG B 159 -6.75 -2.76 -0.44
C ARG B 159 -5.58 -1.85 -0.07
N LEU B 160 -5.73 -0.57 -0.33
CA LEU B 160 -4.63 0.37 -0.35
C LEU B 160 -4.68 1.36 0.81
N ASN B 161 -3.49 1.69 1.31
CA ASN B 161 -3.28 2.86 2.16
C ASN B 161 -2.47 3.93 1.44
N SER B 162 -2.07 3.68 0.20
CA SER B 162 -1.30 4.66 -0.54
C SER B 162 -2.18 5.82 -0.98
N ALA B 163 -1.52 6.95 -1.20
CA ALA B 163 -2.18 8.10 -1.79
C ALA B 163 -1.21 8.71 -2.78
N GLU B 164 -1.76 9.25 -3.86
CA GLU B 164 -0.98 9.88 -4.89
C GLU B 164 -1.62 11.20 -5.25
N CYS B 165 -0.81 12.06 -5.86
CA CYS B 165 -1.18 13.43 -6.13
C CYS B 165 -1.01 13.69 -7.61
N TYR B 166 -2.00 14.37 -8.21
CA TYR B 166 -1.95 14.73 -9.61
C TYR B 166 -1.60 16.21 -9.70
N TYR B 167 -0.56 16.53 -10.45
CA TYR B 167 -0.24 17.92 -10.70
C TYR B 167 -0.79 18.29 -12.05
N PRO B 168 -1.81 19.16 -12.13
CA PRO B 168 -2.45 19.41 -13.44
C PRO B 168 -1.46 19.85 -14.50
N GLU B 169 -0.41 20.56 -14.10
CA GLU B 169 0.34 21.41 -15.00
C GLU B 169 1.54 20.73 -15.67
N ARG B 170 1.91 19.51 -15.30
CA ARG B 170 2.71 18.66 -16.19
C ARG B 170 2.13 17.27 -16.34
N ASN B 171 0.86 17.04 -15.95
CA ASN B 171 0.19 15.80 -16.27
C ASN B 171 0.95 14.61 -15.70
N GLU B 172 1.14 14.66 -14.38
CA GLU B 172 1.78 13.56 -13.69
C GLU B 172 1.01 13.21 -12.42
N TRP B 173 1.08 11.94 -12.05
CA TRP B 173 0.74 11.51 -10.71
C TRP B 173 2.02 11.16 -10.01
N ARG B 174 2.08 11.43 -8.72
CA ARG B 174 3.21 10.89 -8.03
C ARG B 174 2.91 10.66 -6.57
N MET B 175 3.52 9.61 -6.01
CA MET B 175 3.11 9.06 -4.71
C MET B 175 3.49 9.98 -3.55
N ILE B 176 2.74 9.85 -2.45
CA ILE B 176 3.03 10.63 -1.24
C ILE B 176 3.10 9.69 -0.03
N THR B 177 3.13 10.25 1.18
CA THR B 177 3.13 9.42 2.38
C THR B 177 1.83 8.65 2.47
N ALA B 178 1.95 7.34 2.71
CA ALA B 178 0.78 6.48 2.81
C ALA B 178 0.06 6.71 4.15
N MET B 179 -1.24 6.43 4.16
CA MET B 179 -2.01 6.53 5.40
C MET B 179 -1.52 5.49 6.38
N ASN B 180 -1.83 5.71 7.65
CA ASN B 180 -1.53 4.70 8.66
C ASN B 180 -2.40 3.46 8.51
N THR B 181 -3.59 3.61 7.97
CA THR B 181 -4.55 2.51 7.84
C THR B 181 -4.89 2.26 6.38
N ILE B 182 -4.95 0.99 6.00
CA ILE B 182 -5.46 0.63 4.67
C ILE B 182 -6.96 0.87 4.62
N ARG B 183 -7.41 1.65 3.63
CA ARG B 183 -8.78 2.11 3.56
C ARG B 183 -9.29 1.98 2.14
N SER B 184 -10.31 1.17 1.95
CA SER B 184 -11.08 1.22 0.72
C SER B 184 -12.50 1.61 1.04
N GLY B 185 -13.12 2.32 0.09
CA GLY B 185 -14.47 2.81 0.34
C GLY B 185 -14.54 3.68 1.59
N ALA B 186 -13.54 4.50 1.83
CA ALA B 186 -13.62 5.47 2.91
C ALA B 186 -14.22 6.79 2.39
N GLY B 187 -14.52 7.69 3.32
CA GLY B 187 -14.95 9.03 2.97
C GLY B 187 -13.78 9.99 3.13
N VAL B 188 -13.43 10.65 2.03
CA VAL B 188 -12.24 11.50 1.96
C VAL B 188 -12.64 12.91 1.52
N CYS B 189 -12.17 13.92 2.26
CA CYS B 189 -12.51 15.30 1.95
C CYS B 189 -11.40 16.21 2.45
N VAL B 190 -11.53 17.50 2.14
CA VAL B 190 -10.62 18.54 2.65
C VAL B 190 -11.39 19.36 3.68
N LEU B 191 -10.80 19.50 4.86
CA LEU B 191 -11.34 20.37 5.90
C LEU B 191 -10.21 21.24 6.38
N HIS B 192 -10.40 22.55 6.32
CA HIS B 192 -9.29 23.47 6.59
C HIS B 192 -8.12 23.09 5.69
N ASN B 193 -6.99 22.71 6.25
CA ASN B 193 -5.90 22.27 5.39
C ASN B 193 -5.32 20.93 5.81
N CYS B 194 -6.21 19.98 6.07
CA CYS B 194 -5.83 18.59 6.34
C CYS B 194 -6.78 17.72 5.52
N ILE B 195 -6.23 16.73 4.84
CA ILE B 195 -7.06 15.80 4.06
C ILE B 195 -7.54 14.75 5.05
N TYR B 196 -8.83 14.68 5.26
CA TYR B 196 -9.36 13.73 6.22
C TYR B 196 -9.81 12.48 5.47
N ALA B 197 -9.37 11.33 5.93
CA ALA B 197 -9.87 10.04 5.46
C ALA B 197 -10.59 9.38 6.63
N ALA B 198 -11.89 9.09 6.43
CA ALA B 198 -12.73 8.61 7.52
C ALA B 198 -13.36 7.28 7.12
N GLY B 199 -13.30 6.32 8.04
CA GLY B 199 -13.90 5.01 7.83
C GLY B 199 -13.23 4.20 6.74
N GLY B 200 -13.99 3.26 6.20
CA GLY B 200 -13.55 2.37 5.14
C GLY B 200 -13.52 0.90 5.48
N TYR B 201 -13.03 0.10 4.56
CA TYR B 201 -12.88 -1.32 4.74
C TYR B 201 -11.44 -1.65 4.46
N ASP B 202 -10.82 -2.41 5.36
CA ASP B 202 -9.41 -2.77 5.21
C ASP B 202 -9.22 -4.22 4.76
N GLY B 203 -10.25 -4.79 4.15
CA GLY B 203 -10.18 -6.16 3.68
C GLY B 203 -10.42 -7.17 4.78
N GLN B 204 -10.96 -6.72 5.91
CA GLN B 204 -11.23 -7.60 7.03
C GLN B 204 -12.26 -6.99 7.99
N ASP B 205 -12.11 -5.71 8.30
CA ASP B 205 -13.03 -5.02 9.19
C ASP B 205 -13.34 -3.59 8.75
N GLN B 206 -14.56 -3.16 9.00
CA GLN B 206 -15.00 -1.82 8.65
C GLN B 206 -14.41 -0.92 9.72
N LEU B 207 -14.12 0.32 9.39
CA LEU B 207 -13.46 1.16 10.36
C LEU B 207 -14.08 2.49 10.73
N ASN B 208 -13.99 2.84 11.99
CA ASN B 208 -14.42 4.17 12.42
C ASN B 208 -13.23 5.11 12.56
N SER B 209 -12.01 4.62 12.34
CA SER B 209 -10.84 5.47 12.46
C SER B 209 -10.90 6.61 11.46
N VAL B 210 -10.36 7.74 11.87
CA VAL B 210 -10.24 8.92 11.03
C VAL B 210 -8.84 9.48 11.22
N GLU B 211 -8.20 9.85 10.10
CA GLU B 211 -6.88 10.44 10.11
C GLU B 211 -6.80 11.54 9.07
N ARG B 212 -6.04 12.59 9.38
CA ARG B 212 -5.92 13.75 8.51
C ARG B 212 -4.47 13.92 8.09
N TYR B 213 -4.26 14.27 6.83
CA TYR B 213 -2.92 14.43 6.27
C TYR B 213 -2.56 15.90 6.32
N ASP B 214 -1.43 16.23 6.95
CA ASP B 214 -0.93 17.60 6.95
C ASP B 214 0.13 17.71 5.86
N VAL B 215 -0.12 18.59 4.89
CA VAL B 215 0.74 18.73 3.72
C VAL B 215 2.09 19.34 4.10
N ALA B 216 2.08 20.35 4.97
CA ALA B 216 3.34 21.03 5.30
C ALA B 216 4.34 20.08 5.93
N THR B 217 3.86 19.04 6.62
CA THR B 217 4.73 18.04 7.23
C THR B 217 4.67 16.68 6.57
N ALA B 218 3.82 16.53 5.54
CA ALA B 218 3.58 15.24 4.89
C ALA B 218 3.39 14.12 5.90
N THR B 219 2.46 14.35 6.81
CA THR B 219 2.26 13.44 7.92
C THR B 219 0.78 13.17 8.11
N TRP B 220 0.43 11.91 8.33
CA TRP B 220 -0.92 11.48 8.66
C TRP B 220 -1.04 11.34 10.16
N THR B 221 -2.01 12.05 10.74
CA THR B 221 -2.30 11.96 12.17
C THR B 221 -3.73 11.45 12.40
N PHE B 222 -3.88 10.61 13.42
CA PHE B 222 -5.19 10.10 13.80
C PHE B 222 -5.90 11.12 14.65
N VAL B 223 -7.23 11.20 14.52
CA VAL B 223 -8.08 12.09 15.26
C VAL B 223 -9.21 11.28 15.90
N ALA B 224 -10.14 11.99 16.52
CA ALA B 224 -11.28 11.34 17.15
C ALA B 224 -12.00 10.45 16.14
N PRO B 225 -12.23 9.17 16.46
CA PRO B 225 -12.94 8.30 15.52
C PRO B 225 -14.45 8.53 15.57
N MET B 226 -15.14 8.07 14.53
CA MET B 226 -16.60 8.18 14.47
C MET B 226 -17.23 7.33 15.58
N LYS B 227 -18.53 7.50 15.79
CA LYS B 227 -19.18 6.61 16.74
C LYS B 227 -19.43 5.21 16.18
N HIS B 228 -19.63 5.05 14.87
CA HIS B 228 -19.90 3.74 14.29
C HIS B 228 -19.07 3.51 13.03
N ARG B 229 -18.38 2.37 12.98
CA ARG B 229 -17.68 1.94 11.78
C ARG B 229 -18.57 2.03 10.55
N ARG B 230 -17.98 2.32 9.40
CA ARG B 230 -18.75 2.43 8.17
C ARG B 230 -17.82 2.33 6.97
N SER B 231 -18.33 1.73 5.89
CA SER B 231 -17.69 1.69 4.58
C SER B 231 -18.63 2.23 3.52
N ALA B 232 -18.05 2.68 2.42
CA ALA B 232 -18.80 3.24 1.30
C ALA B 232 -19.74 4.35 1.75
N LEU B 233 -19.27 5.19 2.64
CA LEU B 233 -20.05 6.28 3.23
C LEU B 233 -19.91 7.56 2.42
N GLY B 234 -20.91 8.42 2.55
CA GLY B 234 -20.85 9.75 1.98
C GLY B 234 -20.21 10.71 2.96
N ILE B 235 -19.51 11.70 2.41
CA ILE B 235 -18.82 12.68 3.21
C ILE B 235 -18.86 14.02 2.49
N THR B 236 -18.98 15.11 3.25
CA THR B 236 -18.96 16.45 2.67
C THR B 236 -18.55 17.47 3.73
N VAL B 237 -18.29 18.70 3.30
CA VAL B 237 -17.78 19.74 4.21
C VAL B 237 -18.70 20.96 4.08
N HIS B 238 -19.20 21.46 5.22
CA HIS B 238 -20.01 22.68 5.20
C HIS B 238 -19.92 23.41 6.54
N GLN B 239 -19.82 24.75 6.49
CA GLN B 239 -19.84 25.59 7.68
C GLN B 239 -18.82 25.08 8.71
N GLY B 240 -17.62 24.86 8.22
CA GLY B 240 -16.50 24.50 9.08
C GLY B 240 -16.58 23.19 9.82
N ARG B 241 -17.42 22.24 9.37
CA ARG B 241 -17.27 20.88 9.87
C ARG B 241 -17.66 19.95 8.73
N ILE B 242 -17.28 18.69 8.87
CA ILE B 242 -17.67 17.62 7.97
C ILE B 242 -18.69 16.70 8.60
N TYR B 243 -19.50 16.15 7.68
CA TYR B 243 -20.64 15.28 7.93
C TYR B 243 -20.42 14.01 7.13
N VAL B 244 -20.63 12.87 7.77
CA VAL B 244 -20.58 11.57 7.10
C VAL B 244 -21.95 10.92 7.24
N LEU B 245 -22.47 10.39 6.13
CA LEU B 245 -23.86 9.92 6.06
C LEU B 245 -23.90 8.57 5.36
N GLY B 246 -24.57 7.61 6.01
CA GLY B 246 -24.76 6.27 5.48
C GLY B 246 -23.55 5.38 5.69
N GLY B 247 -23.45 4.37 4.83
CA GLY B 247 -22.39 3.38 4.88
C GLY B 247 -22.91 2.00 5.26
N TYR B 248 -21.99 1.05 5.26
CA TYR B 248 -22.26 -0.34 5.60
C TYR B 248 -21.22 -0.78 6.63
N ASP B 249 -21.67 -1.43 7.71
CA ASP B 249 -20.78 -1.82 8.79
C ASP B 249 -20.65 -3.33 8.94
N GLY B 250 -21.02 -4.09 7.90
CA GLY B 250 -20.96 -5.54 7.96
C GLY B 250 -22.25 -6.21 8.37
N HIS B 251 -23.17 -5.49 9.00
CA HIS B 251 -24.44 -6.04 9.44
C HIS B 251 -25.66 -5.23 9.02
N THR B 252 -25.56 -3.90 9.01
CA THR B 252 -26.70 -3.04 8.74
C THR B 252 -26.33 -1.95 7.75
N PHE B 253 -27.31 -1.50 6.98
CA PHE B 253 -27.16 -0.34 6.11
C PHE B 253 -27.54 0.89 6.90
N LEU B 254 -26.53 1.64 7.34
CA LEU B 254 -26.74 2.71 8.30
C LEU B 254 -27.54 3.86 7.70
N ASP B 255 -28.29 4.53 8.58
CA ASP B 255 -28.84 5.85 8.28
C ASP B 255 -28.27 6.91 9.19
N SER B 256 -27.39 6.55 10.12
CA SER B 256 -26.75 7.53 10.99
C SER B 256 -26.04 8.60 10.17
N VAL B 257 -26.16 9.85 10.60
CA VAL B 257 -25.40 10.95 10.03
C VAL B 257 -24.62 11.58 11.16
N GLU B 258 -23.30 11.58 11.02
CA GLU B 258 -22.35 12.03 12.03
C GLU B 258 -21.70 13.33 11.59
N CYS B 259 -21.53 14.24 12.53
CA CYS B 259 -20.76 15.45 12.31
C CYS B 259 -19.54 15.45 13.21
N TYR B 260 -18.41 15.86 12.65
CA TYR B 260 -17.16 15.91 13.39
C TYR B 260 -16.83 17.36 13.70
N ASP B 261 -16.51 17.63 14.96
CA ASP B 261 -16.13 18.97 15.39
C ASP B 261 -14.62 19.12 15.36
N PRO B 262 -14.06 19.99 14.53
CA PRO B 262 -12.61 20.14 14.47
C PRO B 262 -12.01 20.92 15.63
N ASP B 263 -12.77 21.86 16.22
CA ASP B 263 -12.18 22.69 17.28
C ASP B 263 -12.05 21.97 18.63
N THR B 264 -12.87 20.96 18.86
CA THR B 264 -12.81 20.05 20.01
C THR B 264 -12.66 18.56 19.66
N ASP B 265 -12.48 18.23 18.39
CA ASP B 265 -12.15 16.87 17.93
C ASP B 265 -13.02 15.79 18.57
N THR B 266 -14.32 15.84 18.29
CA THR B 266 -15.18 14.73 18.70
C THR B 266 -16.35 14.60 17.72
N TRP B 267 -16.83 13.38 17.61
CA TRP B 267 -17.92 13.01 16.72
C TRP B 267 -19.20 12.84 17.51
N SER B 268 -20.30 13.32 16.97
CA SER B 268 -21.53 12.88 17.61
C SER B 268 -22.68 12.95 16.60
N GLU B 269 -23.78 12.26 16.93
CA GLU B 269 -24.81 11.98 15.93
C GLU B 269 -25.71 13.19 15.69
N VAL B 270 -25.72 13.68 14.45
CA VAL B 270 -26.53 14.84 14.10
C VAL B 270 -27.93 14.45 13.60
N THR B 271 -28.07 13.32 12.88
CA THR B 271 -29.28 13.08 12.11
C THR B 271 -29.43 11.60 11.78
N ARG B 272 -30.63 11.22 11.33
CA ARG B 272 -30.89 10.00 10.58
C ARG B 272 -31.25 10.43 9.16
N MET B 273 -30.71 9.77 8.15
CA MET B 273 -31.26 9.99 6.82
C MET B 273 -32.62 9.26 6.72
N THR B 274 -33.37 9.60 5.65
CA THR B 274 -34.71 9.04 5.48
C THR B 274 -34.68 7.52 5.37
N SER B 275 -33.57 6.94 4.90
CA SER B 275 -33.47 5.49 4.75
C SER B 275 -32.02 5.07 4.81
N GLY B 276 -31.73 4.01 5.55
CA GLY B 276 -30.40 3.44 5.54
C GLY B 276 -29.96 3.08 4.13
N ARG B 277 -28.67 3.31 3.84
CA ARG B 277 -28.04 3.14 2.54
C ARG B 277 -26.55 3.31 2.64
N SER B 278 -25.91 2.82 1.58
CA SER B 278 -24.49 2.95 1.38
C SER B 278 -24.29 3.43 -0.05
N GLY B 279 -23.03 3.74 -0.34
CA GLY B 279 -22.55 4.10 -1.66
C GLY B 279 -23.21 5.33 -2.28
N VAL B 280 -23.40 6.41 -1.50
CA VAL B 280 -24.04 7.60 -2.03
C VAL B 280 -23.00 8.58 -2.54
N GLY B 281 -23.44 9.42 -3.47
CA GLY B 281 -22.76 10.70 -3.77
C GLY B 281 -23.32 11.81 -2.91
N VAL B 282 -22.44 12.72 -2.52
CA VAL B 282 -22.76 13.80 -1.59
C VAL B 282 -22.01 15.06 -2.03
N ALA B 283 -22.72 16.20 -2.06
CA ALA B 283 -22.12 17.50 -2.41
C ALA B 283 -22.97 18.62 -1.80
N VAL B 284 -22.47 19.86 -1.92
CA VAL B 284 -23.07 21.05 -1.27
C VAL B 284 -23.30 22.14 -2.31
N THR B 285 -24.53 22.67 -2.33
CA THR B 285 -24.85 23.91 -3.05
C THR B 285 -26.14 24.52 -2.54
N GLY C 1 -23.12 -7.47 -2.57
CA GLY C 1 -23.10 -8.14 -1.28
C GLY C 1 -21.69 -8.22 -0.72
N ASP C 2 -20.74 -7.61 -1.44
CA ASP C 2 -19.35 -7.54 -1.03
C ASP C 2 -19.23 -6.86 0.34
N PRO C 3 -18.13 -7.13 1.06
CA PRO C 3 -18.00 -6.60 2.43
C PRO C 3 -17.72 -5.11 2.52
N GLU C 4 -17.31 -4.47 1.43
CA GLU C 4 -17.11 -3.03 1.46
C GLU C 4 -18.42 -2.28 1.30
N ALA C 5 -19.08 -2.44 0.14
CA ALA C 5 -20.24 -1.62 -0.16
C ALA C 5 -21.54 -2.22 0.37
N GLY C 6 -21.49 -3.44 0.88
CA GLY C 6 -22.68 -4.16 1.25
C GLY C 6 -23.46 -4.74 0.10
N GLU C 7 -23.13 -4.41 -1.14
CA GLU C 7 -23.94 -4.87 -2.26
C GLU C 7 -23.54 -6.31 -2.56
#